data_4V20
#
_entry.id   4V20
#
_cell.length_a   79.560
_cell.length_b   130.780
_cell.length_c   46.120
_cell.angle_alpha   90.00
_cell.angle_beta   90.00
_cell.angle_gamma   90.00
#
_symmetry.space_group_name_H-M   'P 21 21 2'
#
loop_
_entity.id
_entity.type
_entity.pdbx_description
1 polymer CELLOBIOHYDROLASE
2 branched beta-D-glucopyranose-(1-4)-2-deoxy-2-fluoro-beta-D-glucopyranose
3 non-polymer 2-acetamido-2-deoxy-beta-D-glucopyranose
4 non-polymer 'ZINC ION'
5 non-polymer 'ACETATE ION'
6 water water
#
_entity_poly.entity_id   1
_entity_poly.type   'polypeptide(L)'
_entity_poly.pdbx_seq_one_letter_code
;(PCA)QVGTSQAEVHPSMTWQSCTAGGSCTTNNGKVVIDANWRWVHKVGDYTNCYTGNTWDTTICPDDATCASNCALEGA
NYESTYGVTASGNSLRLNFVTTSQQKNIGSRLYMMKDDSTYEMFKLLNQEFTFDVDVSNLPCGLNGALYFVAMDADGGMS
KYPTNKAGAKYGTGYCDSQCPRDLKFINGQANVEGWQPSSNDANAGTGNHGSCCAEMDIWEANSISTAFTPHPCDTPGQV
MCTGDACGGTYSSDRYGGTCDPDGCDFNSFRQGNKTFYGPGMTVDTKSKFTVVTQFITDDGTSSGTLKEIKRFYVQNGKV
IPNSESTWTGVSGNSITTEYCTAQKSLFQDQNVFEKHGGLEGMGAALAQGMVLVMSLWDDHSANMLWLDSNYPTTASSTT
PGVARGTCDISSGVPADVEANHPDAYVVYSNIKVGPIGSTFNSG
;
_entity_poly.pdbx_strand_id   A
#
# COMPACT_ATOMS: atom_id res chain seq x y z
N GLN A 2 22.35 -9.75 3.01
CA GLN A 2 23.54 -9.01 2.62
C GLN A 2 23.32 -8.07 1.44
N VAL A 3 24.37 -7.31 1.12
CA VAL A 3 24.33 -6.35 0.00
C VAL A 3 25.14 -6.93 -1.17
N GLY A 4 24.52 -7.04 -2.33
CA GLY A 4 25.22 -7.51 -3.52
C GLY A 4 25.88 -6.32 -4.19
N THR A 5 26.88 -6.57 -5.01
CA THR A 5 27.62 -5.48 -5.66
C THR A 5 27.59 -5.56 -7.20
N SER A 6 26.88 -6.53 -7.77
N SER A 6 26.85 -6.52 -7.76
CA SER A 6 26.84 -6.63 -9.22
CA SER A 6 26.79 -6.70 -9.22
C SER A 6 26.21 -5.36 -9.80
C SER A 6 25.96 -5.63 -9.94
N GLN A 7 25.10 -4.93 -9.20
CA GLN A 7 24.33 -3.82 -9.72
C GLN A 7 24.24 -2.76 -8.65
N ALA A 8 24.80 -1.57 -8.89
CA ALA A 8 24.66 -0.46 -7.98
C ALA A 8 23.18 -0.08 -7.79
N GLU A 9 22.86 0.36 -6.58
CA GLU A 9 21.51 0.86 -6.26
C GLU A 9 21.49 2.37 -6.27
N VAL A 10 20.75 2.94 -7.20
CA VAL A 10 20.58 4.39 -7.36
C VAL A 10 19.07 4.64 -7.34
N HIS A 11 18.66 5.44 -6.37
CA HIS A 11 17.25 5.73 -6.14
C HIS A 11 16.76 6.85 -7.05
N PRO A 12 15.73 6.61 -7.85
CA PRO A 12 15.19 7.76 -8.64
C PRO A 12 14.73 8.90 -7.78
N SER A 13 14.97 10.15 -8.22
CA SER A 13 14.58 11.30 -7.46
C SER A 13 13.10 11.60 -7.66
N MET A 14 12.48 12.05 -6.57
CA MET A 14 11.09 12.48 -6.63
C MET A 14 10.89 13.58 -5.57
N THR A 15 10.61 14.81 -5.99
CA THR A 15 10.34 15.86 -5.00
C THR A 15 8.94 15.82 -4.41
N TRP A 16 8.76 16.39 -3.23
CA TRP A 16 7.44 16.58 -2.66
C TRP A 16 7.53 17.82 -1.78
N GLN A 17 6.37 18.37 -1.41
N GLN A 17 6.39 18.37 -1.38
CA GLN A 17 6.32 19.65 -0.69
CA GLN A 17 6.40 19.61 -0.64
C GLN A 17 5.81 19.56 0.74
C GLN A 17 5.82 19.54 0.75
N SER A 18 6.43 20.36 1.60
CA SER A 18 5.94 20.62 2.96
C SER A 18 5.35 22.00 2.97
N CYS A 19 4.14 22.12 3.49
CA CYS A 19 3.40 23.40 3.46
C CYS A 19 3.11 23.91 4.85
N THR A 20 2.96 25.24 4.98
CA THR A 20 2.54 25.87 6.23
C THR A 20 1.14 26.49 6.07
N ALA A 21 0.50 26.78 7.19
CA ALA A 21 -0.82 27.39 7.19
C ALA A 21 -0.64 28.72 6.48
N GLY A 22 -1.53 28.96 5.55
CA GLY A 22 -1.35 30.03 4.59
C GLY A 22 -1.04 29.54 3.21
N GLY A 23 -0.55 28.32 3.07
CA GLY A 23 -0.33 27.79 1.75
C GLY A 23 1.04 27.89 1.12
N SER A 24 2.02 28.45 1.84
N SER A 24 2.02 28.52 1.80
CA SER A 24 3.40 28.48 1.39
CA SER A 24 3.41 28.51 1.32
C SER A 24 4.08 27.12 1.53
C SER A 24 3.92 27.09 1.43
N CYS A 25 4.79 26.69 0.50
CA CYS A 25 5.36 25.33 0.47
C CYS A 25 6.83 25.35 0.16
N THR A 26 7.57 24.41 0.74
N THR A 26 7.53 24.38 0.72
CA THR A 26 8.95 24.19 0.38
CA THR A 26 8.93 24.15 0.53
C THR A 26 9.19 22.77 -0.13
C THR A 26 9.06 22.82 -0.23
N THR A 27 10.04 22.73 -1.12
CA THR A 27 10.31 21.51 -1.86
C THR A 27 11.39 20.71 -1.18
N ASN A 28 11.08 19.43 -0.98
CA ASN A 28 12.01 18.44 -0.44
C ASN A 28 12.56 17.54 -1.54
N ASN A 29 13.84 17.23 -1.44
CA ASN A 29 14.55 16.42 -2.43
C ASN A 29 14.47 14.95 -2.05
N GLY A 30 13.30 14.38 -2.24
CA GLY A 30 13.12 12.97 -1.95
C GLY A 30 13.63 12.04 -3.04
N LYS A 31 13.57 10.74 -2.75
N LYS A 31 13.62 10.75 -2.72
CA LYS A 31 13.92 9.76 -3.73
CA LYS A 31 14.05 9.70 -3.63
C LYS A 31 13.21 8.46 -3.31
C LYS A 31 13.11 8.52 -3.33
N VAL A 32 12.99 7.61 -4.28
CA VAL A 32 12.19 6.40 -4.06
C VAL A 32 13.04 5.13 -4.17
N VAL A 33 12.58 4.06 -3.53
CA VAL A 33 13.32 2.79 -3.45
C VAL A 33 12.34 1.62 -3.59
N ILE A 34 12.70 0.65 -4.41
CA ILE A 34 11.86 -0.54 -4.57
C ILE A 34 12.01 -1.52 -3.43
N ASP A 35 10.90 -2.11 -3.04
CA ASP A 35 10.84 -3.14 -2.01
C ASP A 35 11.74 -4.33 -2.33
N ALA A 36 12.38 -4.83 -1.28
CA ALA A 36 13.37 -5.90 -1.42
C ALA A 36 12.84 -7.20 -2.05
N ASN A 37 11.55 -7.42 -1.93
CA ASN A 37 10.91 -8.67 -2.47
C ASN A 37 10.99 -8.69 -3.99
N TRP A 38 11.15 -7.53 -4.63
CA TRP A 38 11.26 -7.52 -6.12
C TRP A 38 12.66 -7.74 -6.65
N ARG A 39 13.64 -7.72 -5.77
CA ARG A 39 15.03 -7.74 -6.16
C ARG A 39 15.55 -9.15 -6.46
N TRP A 40 16.57 -9.17 -7.29
CA TRP A 40 17.39 -10.40 -7.44
C TRP A 40 18.12 -10.66 -6.13
N VAL A 41 17.99 -11.90 -5.64
N VAL A 41 18.08 -11.91 -5.71
CA VAL A 41 18.70 -12.36 -4.43
CA VAL A 41 18.78 -12.32 -4.50
C VAL A 41 19.66 -13.47 -4.89
C VAL A 41 19.64 -13.55 -4.76
N HIS A 42 20.94 -13.34 -4.58
CA HIS A 42 21.93 -14.37 -4.93
C HIS A 42 22.88 -14.70 -3.79
N LYS A 43 23.54 -15.83 -3.94
CA LYS A 43 24.59 -16.21 -3.01
C LYS A 43 25.70 -15.15 -2.97
N VAL A 44 26.15 -14.82 -1.77
CA VAL A 44 27.22 -13.89 -1.56
C VAL A 44 28.47 -14.35 -2.34
N GLY A 45 29.02 -13.43 -3.09
CA GLY A 45 30.23 -13.71 -3.89
C GLY A 45 30.01 -14.49 -5.20
N ASP A 46 28.75 -14.73 -5.58
N ASP A 46 28.75 -14.70 -5.59
CA ASP A 46 28.43 -15.56 -6.75
CA ASP A 46 28.41 -15.58 -6.71
C ASP A 46 27.22 -14.97 -7.47
C ASP A 46 27.13 -15.08 -7.36
N TYR A 47 26.72 -15.71 -8.46
CA TYR A 47 25.52 -15.32 -9.21
C TYR A 47 24.35 -16.24 -9.07
N THR A 48 24.48 -17.28 -8.28
CA THR A 48 23.46 -18.30 -8.11
C THR A 48 22.32 -17.75 -7.24
N ASN A 49 21.11 -17.82 -7.76
CA ASN A 49 19.95 -17.33 -7.06
C ASN A 49 19.73 -18.08 -5.75
N CYS A 50 19.39 -17.33 -4.70
CA CYS A 50 18.83 -17.95 -3.51
C CYS A 50 17.39 -18.33 -3.63
N TYR A 51 16.68 -17.67 -4.54
CA TYR A 51 15.27 -17.87 -4.81
C TYR A 51 15.03 -17.63 -6.26
N THR A 52 14.21 -18.48 -6.86
CA THR A 52 13.92 -18.49 -8.27
C THR A 52 12.46 -18.94 -8.41
N GLY A 53 11.70 -18.19 -9.16
CA GLY A 53 10.29 -18.47 -9.41
C GLY A 53 9.54 -18.27 -8.10
N ASN A 54 9.14 -19.38 -7.52
CA ASN A 54 8.53 -19.31 -6.17
C ASN A 54 9.08 -20.31 -5.19
N THR A 55 10.34 -20.69 -5.38
N THR A 55 10.32 -20.76 -5.43
CA THR A 55 10.99 -21.67 -4.54
CA THR A 55 11.02 -21.71 -4.58
C THR A 55 12.42 -21.22 -4.18
C THR A 55 12.41 -21.20 -4.17
N TRP A 56 12.88 -21.61 -3.00
CA TRP A 56 14.22 -21.31 -2.53
C TRP A 56 15.21 -22.43 -2.89
N ASP A 57 16.47 -22.07 -3.03
CA ASP A 57 17.59 -23.01 -3.07
C ASP A 57 17.89 -23.44 -1.65
N THR A 58 17.51 -24.66 -1.26
CA THR A 58 17.66 -25.08 0.14
C THR A 58 19.07 -25.57 0.50
N THR A 59 19.96 -25.66 -0.48
CA THR A 59 21.35 -25.83 -0.17
C THR A 59 21.98 -24.54 0.35
N ILE A 60 21.68 -23.43 -0.32
CA ILE A 60 22.19 -22.13 0.10
C ILE A 60 21.40 -21.67 1.36
N CYS A 61 20.11 -22.04 1.36
CA CYS A 61 19.17 -21.60 2.40
C CYS A 61 18.53 -22.78 3.19
N PRO A 62 19.36 -23.45 4.04
CA PRO A 62 18.85 -24.59 4.79
C PRO A 62 18.01 -24.19 6.00
N ASP A 63 18.08 -22.92 6.40
CA ASP A 63 17.30 -22.40 7.52
C ASP A 63 17.33 -20.86 7.40
N ASP A 64 16.46 -20.20 8.17
CA ASP A 64 16.28 -18.72 8.01
C ASP A 64 17.52 -17.89 8.28
N ALA A 65 18.33 -18.31 9.26
CA ALA A 65 19.51 -17.56 9.60
C ALA A 65 20.67 -17.75 8.62
N THR A 66 20.93 -19.03 8.26
CA THR A 66 22.03 -19.33 7.31
C THR A 66 21.73 -18.63 5.98
N CYS A 67 20.48 -18.70 5.59
CA CYS A 67 20.02 -18.05 4.34
C CYS A 67 20.30 -16.55 4.36
N ALA A 68 19.92 -15.86 5.44
CA ALA A 68 20.24 -14.42 5.56
C ALA A 68 21.72 -14.08 5.52
N SER A 69 22.56 -14.94 6.10
CA SER A 69 23.98 -14.81 6.04
C SER A 69 24.56 -15.00 4.66
N ASN A 70 23.96 -15.91 3.88
CA ASN A 70 24.52 -16.35 2.59
C ASN A 70 23.96 -15.61 1.36
N CYS A 71 22.93 -14.80 1.53
CA CYS A 71 22.14 -14.24 0.41
C CYS A 71 22.18 -12.74 0.39
N ALA A 72 22.36 -12.18 -0.80
CA ALA A 72 22.59 -10.76 -1.01
C ALA A 72 21.55 -10.18 -1.92
N LEU A 73 21.02 -9.02 -1.52
CA LEU A 73 20.09 -8.27 -2.37
C LEU A 73 20.83 -7.42 -3.34
N GLU A 74 20.32 -7.32 -4.58
CA GLU A 74 20.98 -6.49 -5.58
C GLU A 74 20.31 -5.17 -5.90
N GLY A 75 21.07 -4.24 -6.50
CA GLY A 75 20.55 -3.01 -7.04
C GLY A 75 19.54 -3.30 -8.16
N ALA A 76 18.70 -2.31 -8.40
CA ALA A 76 17.59 -2.39 -9.36
C ALA A 76 17.77 -1.47 -10.55
N ASN A 77 17.45 -1.96 -11.75
N ASN A 77 17.42 -1.97 -11.74
CA ASN A 77 17.28 -1.08 -12.91
CA ASN A 77 17.28 -1.13 -12.92
C ASN A 77 15.81 -0.70 -12.98
C ASN A 77 15.81 -0.71 -13.00
N TYR A 78 15.53 0.48 -12.46
CA TYR A 78 14.15 0.89 -12.17
C TYR A 78 13.29 0.88 -13.41
N GLU A 79 13.80 1.50 -14.47
CA GLU A 79 12.97 1.60 -15.69
C GLU A 79 12.94 0.28 -16.47
N SER A 80 14.12 -0.27 -16.75
N SER A 80 14.12 -0.25 -16.76
CA SER A 80 14.18 -1.43 -17.67
CA SER A 80 14.20 -1.40 -17.70
C SER A 80 13.66 -2.74 -17.09
C SER A 80 13.73 -2.75 -17.11
N THR A 81 13.86 -2.94 -15.79
CA THR A 81 13.41 -4.16 -15.17
C THR A 81 12.00 -3.99 -14.60
N TYR A 82 11.77 -2.86 -13.94
CA TYR A 82 10.56 -2.68 -13.17
C TYR A 82 9.49 -1.76 -13.70
N GLY A 83 9.80 -0.99 -14.75
CA GLY A 83 8.84 -0.09 -15.36
C GLY A 83 8.53 1.11 -14.47
N VAL A 84 9.49 1.49 -13.67
CA VAL A 84 9.37 2.59 -12.75
C VAL A 84 10.18 3.79 -13.28
N THR A 85 9.49 4.91 -13.49
CA THR A 85 10.16 6.13 -13.89
C THR A 85 9.71 7.31 -13.06
N ALA A 86 10.61 8.27 -12.84
CA ALA A 86 10.31 9.44 -12.00
C ALA A 86 10.92 10.64 -12.65
N SER A 87 10.23 11.76 -12.53
N SER A 87 10.23 11.76 -12.56
CA SER A 87 10.71 13.03 -13.06
CA SER A 87 10.81 13.02 -12.99
C SER A 87 10.10 14.11 -12.20
C SER A 87 10.11 14.14 -12.29
N GLY A 88 10.91 15.06 -11.75
CA GLY A 88 10.41 16.13 -10.95
C GLY A 88 9.65 15.65 -9.74
N ASN A 89 8.34 15.96 -9.69
CA ASN A 89 7.48 15.54 -8.58
C ASN A 89 6.59 14.35 -8.92
N SER A 90 6.91 13.66 -10.01
N SER A 90 6.88 13.67 -10.02
N SER A 90 6.89 13.65 -10.01
CA SER A 90 6.03 12.64 -10.59
CA SER A 90 6.02 12.61 -10.53
CA SER A 90 6.02 12.61 -10.54
C SER A 90 6.68 11.26 -10.53
C SER A 90 6.69 11.26 -10.46
C SER A 90 6.67 11.23 -10.65
N LEU A 91 5.86 10.22 -10.31
CA LEU A 91 6.30 8.81 -10.30
C LEU A 91 5.31 7.99 -11.11
N ARG A 92 5.82 7.29 -12.12
CA ARG A 92 5.01 6.44 -12.93
C ARG A 92 5.40 4.97 -12.70
N LEU A 93 4.39 4.14 -12.42
CA LEU A 93 4.53 2.70 -12.25
C LEU A 93 3.80 1.97 -13.35
N ASN A 94 4.50 1.16 -14.14
CA ASN A 94 3.87 0.34 -15.15
C ASN A 94 3.60 -1.05 -14.59
N PHE A 95 2.61 -1.73 -15.13
CA PHE A 95 2.20 -3.00 -14.58
C PHE A 95 3.15 -4.13 -14.94
N VAL A 96 3.26 -4.46 -16.21
CA VAL A 96 4.15 -5.53 -16.64
C VAL A 96 5.35 -4.96 -17.38
N THR A 97 6.55 -5.44 -17.04
CA THR A 97 7.77 -5.05 -17.75
C THR A 97 8.57 -6.28 -18.07
N THR A 98 8.84 -6.49 -19.36
CA THR A 98 9.59 -7.66 -19.78
C THR A 98 11.02 -7.27 -20.15
N SER A 99 11.97 -7.90 -19.48
CA SER A 99 13.41 -7.74 -19.72
C SER A 99 13.89 -9.16 -20.02
N GLN A 100 14.87 -9.65 -19.27
CA GLN A 100 15.12 -11.10 -19.26
C GLN A 100 14.07 -11.83 -18.54
N GLN A 101 13.36 -11.15 -17.66
CA GLN A 101 12.26 -11.80 -17.03
C GLN A 101 11.05 -10.91 -17.15
N LYS A 102 9.93 -11.47 -16.78
CA LYS A 102 8.68 -10.79 -16.77
C LYS A 102 8.38 -10.31 -15.33
N ASN A 103 8.47 -9.01 -15.16
CA ASN A 103 8.19 -8.41 -13.86
C ASN A 103 6.75 -7.94 -13.81
N ILE A 104 6.10 -8.25 -12.68
N ILE A 104 6.10 -8.20 -12.68
N ILE A 104 6.08 -8.21 -12.69
CA ILE A 104 4.71 -7.84 -12.42
CA ILE A 104 4.70 -7.80 -12.49
CA ILE A 104 4.70 -7.75 -12.53
C ILE A 104 4.68 -6.87 -11.24
C ILE A 104 4.55 -6.93 -11.24
C ILE A 104 4.53 -6.93 -11.25
N GLY A 105 4.12 -5.69 -11.45
CA GLY A 105 3.90 -4.75 -10.36
C GLY A 105 5.18 -4.15 -9.76
N SER A 106 4.96 -3.35 -8.72
CA SER A 106 6.04 -2.76 -7.97
C SER A 106 5.46 -2.16 -6.68
N ARG A 107 6.36 -1.98 -5.72
CA ARG A 107 6.07 -1.31 -4.46
C ARG A 107 7.29 -0.47 -4.08
N LEU A 108 7.05 0.84 -3.92
CA LEU A 108 8.11 1.84 -3.75
C LEU A 108 7.90 2.56 -2.43
N TYR A 109 8.99 2.98 -1.79
CA TYR A 109 8.94 3.80 -0.58
C TYR A 109 9.61 5.15 -0.80
N MET A 110 9.06 6.18 -0.15
CA MET A 110 9.71 7.51 -0.17
C MET A 110 10.83 7.58 0.86
N MET A 111 12.00 8.04 0.41
CA MET A 111 13.19 8.18 1.24
C MET A 111 13.48 9.63 1.56
N LYS A 112 14.11 9.83 2.72
N LYS A 112 14.06 9.85 2.74
CA LYS A 112 14.67 11.12 3.15
CA LYS A 112 14.65 11.14 3.06
C LYS A 112 16.10 11.23 2.64
C LYS A 112 16.05 11.18 2.49
N ASP A 113 16.83 10.12 2.73
CA ASP A 113 18.20 10.03 2.19
C ASP A 113 18.42 8.61 1.74
N ASP A 114 19.58 8.29 1.18
CA ASP A 114 19.73 6.99 0.57
C ASP A 114 19.76 5.80 1.52
N SER A 115 19.77 6.07 2.83
N SER A 115 19.78 6.02 2.84
CA SER A 115 19.73 5.03 3.85
CA SER A 115 19.65 4.93 3.80
C SER A 115 18.50 5.06 4.77
C SER A 115 18.53 5.13 4.81
N THR A 116 17.56 5.99 4.52
CA THR A 116 16.53 6.28 5.51
C THR A 116 15.22 6.65 4.83
N TYR A 117 14.16 5.96 5.21
CA TYR A 117 12.83 6.33 4.75
C TYR A 117 12.41 7.67 5.35
N GLU A 118 11.56 8.39 4.62
CA GLU A 118 10.95 9.61 5.18
C GLU A 118 9.84 9.26 6.14
N MET A 119 9.88 9.78 7.35
CA MET A 119 8.89 9.46 8.35
C MET A 119 7.84 10.54 8.47
N PHE A 120 6.69 10.33 7.89
CA PHE A 120 5.61 11.29 7.91
C PHE A 120 4.85 11.22 9.21
N LYS A 121 4.52 12.40 9.77
CA LYS A 121 3.72 12.50 10.98
C LYS A 121 2.42 13.22 10.67
N LEU A 122 1.37 12.46 10.42
CA LEU A 122 0.16 12.97 9.82
C LEU A 122 -0.89 13.50 10.76
N LEU A 123 -0.77 13.30 12.06
CA LEU A 123 -1.82 13.77 12.99
C LEU A 123 -1.95 15.29 12.87
N ASN A 124 -3.20 15.78 12.71
CA ASN A 124 -3.47 17.22 12.59
C ASN A 124 -2.83 17.81 11.35
N GLN A 125 -2.63 16.96 10.32
CA GLN A 125 -2.17 17.38 9.03
C GLN A 125 -3.08 16.82 7.95
N GLU A 126 -2.85 17.29 6.73
CA GLU A 126 -3.42 16.67 5.55
C GLU A 126 -2.30 16.27 4.60
N PHE A 127 -2.58 15.18 3.87
CA PHE A 127 -1.68 14.67 2.86
C PHE A 127 -2.46 14.80 1.55
N THR A 128 -1.82 15.38 0.55
CA THR A 128 -2.44 15.69 -0.73
C THR A 128 -1.55 15.28 -1.86
N PHE A 129 -2.19 14.74 -2.92
CA PHE A 129 -1.42 14.36 -4.09
C PHE A 129 -2.28 14.41 -5.34
N ASP A 130 -1.65 14.42 -6.49
CA ASP A 130 -2.36 14.28 -7.75
C ASP A 130 -2.18 12.88 -8.29
N VAL A 131 -3.19 12.38 -8.99
CA VAL A 131 -3.11 11.05 -9.56
C VAL A 131 -3.78 10.99 -10.92
N ASP A 132 -3.22 10.13 -11.76
CA ASP A 132 -3.83 9.76 -13.04
C ASP A 132 -4.09 8.26 -12.99
N VAL A 133 -5.36 7.90 -12.86
CA VAL A 133 -5.83 6.51 -12.79
C VAL A 133 -6.50 6.10 -14.11
N SER A 134 -6.38 6.94 -15.13
CA SER A 134 -7.17 6.75 -16.34
C SER A 134 -6.77 5.50 -17.12
N ASN A 135 -5.54 5.03 -16.89
CA ASN A 135 -5.02 3.79 -17.48
C ASN A 135 -5.08 2.54 -16.56
N LEU A 136 -5.90 2.59 -15.52
CA LEU A 136 -6.07 1.45 -14.61
C LEU A 136 -7.45 0.84 -14.77
N PRO A 137 -7.50 -0.37 -15.32
CA PRO A 137 -8.76 -1.08 -15.53
C PRO A 137 -9.25 -1.80 -14.27
N CYS A 138 -10.41 -2.44 -14.37
CA CYS A 138 -10.88 -3.39 -13.38
C CYS A 138 -9.77 -4.37 -13.04
N GLY A 139 -9.66 -4.72 -11.77
CA GLY A 139 -8.69 -5.70 -11.38
C GLY A 139 -7.30 -5.26 -10.99
N LEU A 140 -6.99 -3.99 -11.25
CA LEU A 140 -5.72 -3.40 -10.83
C LEU A 140 -5.92 -2.35 -9.74
N ASN A 141 -4.91 -2.18 -8.90
CA ASN A 141 -4.96 -1.24 -7.79
C ASN A 141 -3.68 -0.44 -7.77
N GLY A 142 -3.79 0.86 -8.05
CA GLY A 142 -2.72 1.80 -7.81
C GLY A 142 -2.88 2.30 -6.41
N ALA A 143 -2.03 1.85 -5.51
CA ALA A 143 -2.20 2.17 -4.11
C ALA A 143 -1.17 3.19 -3.65
N LEU A 144 -1.63 4.12 -2.85
CA LEU A 144 -0.76 5.03 -2.14
C LEU A 144 -1.20 4.97 -0.70
N TYR A 145 -0.26 4.66 0.20
CA TYR A 145 -0.63 4.39 1.57
C TYR A 145 0.58 4.53 2.49
N PHE A 146 0.28 4.39 3.78
CA PHE A 146 1.26 4.51 4.84
C PHE A 146 1.31 3.29 5.72
N VAL A 147 2.54 2.87 6.07
CA VAL A 147 2.72 1.76 7.02
C VAL A 147 3.76 2.15 8.08
N ALA A 148 3.61 1.59 9.25
CA ALA A 148 4.52 1.86 10.37
C ALA A 148 5.80 1.05 10.34
N MET A 149 6.54 1.18 9.25
CA MET A 149 7.87 0.59 9.13
C MET A 149 8.90 1.36 9.95
N ASP A 150 10.02 0.68 10.21
CA ASP A 150 11.21 1.36 10.80
C ASP A 150 11.91 2.25 9.75
N ALA A 151 12.43 3.42 10.14
CA ALA A 151 13.03 4.35 9.18
C ALA A 151 14.23 3.82 8.46
N ASP A 152 15.00 2.94 9.12
CA ASP A 152 16.15 2.33 8.48
C ASP A 152 15.89 0.93 7.96
N GLY A 153 14.63 0.57 7.80
CA GLY A 153 14.27 -0.75 7.29
C GLY A 153 14.69 -1.91 8.18
N GLY A 154 14.96 -1.61 9.45
CA GLY A 154 15.40 -2.61 10.41
C GLY A 154 16.88 -2.77 10.65
N MET A 155 17.75 -1.99 9.99
N MET A 155 17.72 -1.99 9.99
CA MET A 155 19.20 -2.21 10.12
CA MET A 155 19.14 -2.29 10.03
C MET A 155 19.69 -2.20 11.54
C MET A 155 19.75 -2.08 11.42
N SER A 156 19.30 -1.19 12.30
N SER A 156 19.22 -1.16 12.21
CA SER A 156 19.88 -1.00 13.65
CA SER A 156 19.77 -0.93 13.55
C SER A 156 19.35 -1.98 14.67
C SER A 156 19.44 -2.11 14.49
N LYS A 157 18.21 -2.58 14.39
CA LYS A 157 17.69 -3.65 15.26
C LYS A 157 18.26 -5.00 14.96
N TYR A 158 18.55 -5.27 13.67
CA TYR A 158 18.81 -6.59 13.17
C TYR A 158 20.12 -6.59 12.47
N PRO A 159 21.23 -6.90 13.16
CA PRO A 159 22.55 -6.85 12.52
C PRO A 159 22.74 -7.77 11.34
N THR A 160 21.93 -8.82 11.22
CA THR A 160 21.96 -9.70 10.09
C THR A 160 21.31 -9.10 8.82
N ASN A 161 20.67 -7.96 8.98
CA ASN A 161 20.20 -7.13 7.86
C ASN A 161 21.24 -6.09 7.57
N LYS A 162 22.10 -6.34 6.57
CA LYS A 162 23.08 -5.36 6.19
C LYS A 162 22.61 -4.41 5.10
N ALA A 163 21.42 -4.65 4.59
CA ALA A 163 20.94 -3.92 3.42
C ALA A 163 20.10 -2.69 3.76
N GLY A 164 19.12 -2.88 4.62
CA GLY A 164 18.34 -1.77 5.14
C GLY A 164 17.49 -1.06 4.12
N ALA A 165 17.13 0.17 4.48
CA ALA A 165 16.22 0.99 3.66
C ALA A 165 16.76 1.27 2.27
N LYS A 166 18.07 1.32 2.12
N LYS A 166 18.07 1.32 2.13
CA LYS A 166 18.67 1.51 0.79
CA LYS A 166 18.68 1.51 0.80
C LYS A 166 18.20 0.46 -0.19
C LYS A 166 18.19 0.46 -0.18
N TYR A 167 17.86 -0.73 0.31
CA TYR A 167 17.40 -1.84 -0.54
C TYR A 167 15.94 -2.18 -0.27
N GLY A 168 15.19 -1.30 0.39
CA GLY A 168 13.78 -1.52 0.56
C GLY A 168 13.40 -2.66 1.49
N THR A 169 14.20 -2.88 2.54
CA THR A 169 13.87 -3.90 3.54
C THR A 169 12.86 -3.36 4.56
N GLY A 170 12.25 -4.28 5.31
CA GLY A 170 11.46 -3.88 6.46
C GLY A 170 9.97 -3.72 6.25
N TYR A 171 9.43 -4.11 5.11
CA TYR A 171 8.00 -3.94 4.91
C TYR A 171 7.18 -4.67 5.96
N CYS A 172 6.01 -4.10 6.22
CA CYS A 172 4.98 -4.68 7.06
C CYS A 172 3.67 -4.03 6.64
N ASP A 173 2.57 -4.70 6.91
CA ASP A 173 1.26 -4.06 6.77
C ASP A 173 0.20 -4.77 7.54
N SER A 174 -1.07 -4.34 7.44
CA SER A 174 -2.09 -4.85 8.33
C SER A 174 -2.60 -6.22 7.93
N GLN A 175 -2.07 -6.77 6.85
CA GLN A 175 -2.33 -8.19 6.49
C GLN A 175 -1.32 -9.14 7.10
N CYS A 176 -0.38 -8.62 7.88
CA CYS A 176 0.69 -9.44 8.42
C CYS A 176 1.32 -10.36 7.36
N PRO A 177 1.76 -9.80 6.25
CA PRO A 177 2.15 -10.61 5.10
C PRO A 177 3.24 -11.60 5.37
N ARG A 178 3.00 -12.83 4.89
CA ARG A 178 3.96 -13.92 5.01
C ARG A 178 4.65 -14.25 3.68
N ASP A 179 4.42 -13.40 2.68
CA ASP A 179 5.05 -13.57 1.37
C ASP A 179 6.40 -12.92 1.24
N LEU A 180 6.85 -12.23 2.29
N LEU A 180 6.82 -12.16 2.26
CA LEU A 180 8.14 -11.56 2.30
CA LEU A 180 8.13 -11.52 2.25
C LEU A 180 9.29 -12.55 2.46
C LEU A 180 9.20 -12.57 2.37
N LYS A 181 10.29 -12.41 1.61
CA LYS A 181 11.42 -13.33 1.63
C LYS A 181 12.35 -13.09 2.82
N PHE A 182 12.46 -11.84 3.27
CA PHE A 182 13.25 -11.47 4.47
C PHE A 182 12.42 -10.62 5.40
N ILE A 183 12.42 -11.03 6.67
CA ILE A 183 11.74 -10.32 7.75
C ILE A 183 12.70 -10.34 8.94
N ASN A 184 12.99 -9.16 9.48
CA ASN A 184 13.76 -9.02 10.74
C ASN A 184 15.16 -9.64 10.57
N GLY A 185 15.76 -9.51 9.38
CA GLY A 185 17.13 -10.02 9.22
C GLY A 185 17.21 -11.54 9.18
N GLN A 186 16.12 -12.20 8.89
CA GLN A 186 16.03 -13.63 8.71
C GLN A 186 15.35 -13.85 7.39
N ALA A 187 15.76 -14.91 6.66
CA ALA A 187 14.95 -15.32 5.52
C ALA A 187 13.65 -15.98 5.96
N ASN A 188 12.80 -16.29 4.99
CA ASN A 188 11.53 -16.92 5.27
C ASN A 188 11.42 -18.29 4.55
N VAL A 189 12.57 -18.93 4.36
CA VAL A 189 12.58 -20.23 3.70
C VAL A 189 11.92 -21.32 4.52
N GLU A 190 12.01 -21.23 5.84
CA GLU A 190 11.38 -22.25 6.69
C GLU A 190 9.87 -22.20 6.55
N GLY A 191 9.26 -23.34 6.20
CA GLY A 191 7.85 -23.38 5.95
C GLY A 191 7.32 -22.87 4.63
N TRP A 192 8.24 -22.54 3.74
CA TRP A 192 7.81 -21.88 2.52
C TRP A 192 6.97 -22.80 1.68
N GLN A 193 5.89 -22.28 1.16
N GLN A 193 5.80 -22.30 1.27
CA GLN A 193 5.10 -23.00 0.22
CA GLN A 193 4.89 -22.94 0.30
C GLN A 193 4.70 -22.08 -0.92
C GLN A 193 4.78 -22.02 -0.92
N PRO A 194 4.92 -22.53 -2.16
CA PRO A 194 4.60 -21.73 -3.33
C PRO A 194 3.14 -21.44 -3.48
N SER A 195 2.82 -20.26 -4.02
CA SER A 195 1.46 -19.88 -4.34
C SER A 195 0.89 -20.79 -5.44
N SER A 196 -0.38 -21.14 -5.35
CA SER A 196 -1.00 -21.91 -6.43
C SER A 196 -1.34 -21.05 -7.65
N ASN A 197 -1.28 -19.71 -7.54
CA ASN A 197 -1.67 -18.84 -8.66
C ASN A 197 -0.72 -17.69 -8.91
N ASP A 198 0.50 -17.80 -8.42
CA ASP A 198 1.49 -16.76 -8.64
C ASP A 198 2.84 -17.42 -8.77
N ALA A 199 3.35 -17.45 -10.01
CA ALA A 199 4.60 -18.11 -10.25
C ALA A 199 5.79 -17.45 -9.52
N ASN A 200 5.62 -16.22 -9.03
CA ASN A 200 6.71 -15.52 -8.36
C ASN A 200 6.62 -15.46 -6.85
N ALA A 201 5.53 -16.00 -6.29
CA ALA A 201 5.23 -15.79 -4.88
C ALA A 201 5.00 -17.05 -4.08
N GLY A 202 5.09 -16.90 -2.76
CA GLY A 202 4.73 -17.98 -1.84
C GLY A 202 4.55 -17.37 -0.48
N THR A 203 4.51 -18.22 0.55
CA THR A 203 4.42 -17.79 1.93
C THR A 203 5.28 -18.67 2.81
N GLY A 204 5.85 -18.06 3.85
CA GLY A 204 6.68 -18.77 4.80
C GLY A 204 6.10 -18.74 6.21
N ASN A 205 6.88 -19.24 7.17
CA ASN A 205 6.35 -19.35 8.55
C ASN A 205 6.21 -17.96 9.22
N HIS A 206 6.94 -16.98 8.73
CA HIS A 206 6.97 -15.64 9.35
C HIS A 206 6.17 -14.63 8.56
N GLY A 207 5.49 -13.75 9.29
CA GLY A 207 4.78 -12.61 8.70
C GLY A 207 5.23 -11.31 9.35
N SER A 208 4.88 -10.19 8.74
CA SER A 208 5.36 -8.87 9.18
C SER A 208 4.18 -7.90 9.33
N CYS A 209 3.77 -7.70 10.58
CA CYS A 209 2.55 -6.94 10.92
C CYS A 209 2.91 -5.52 11.25
N CYS A 210 2.07 -4.59 10.82
CA CYS A 210 2.04 -3.25 11.41
C CYS A 210 0.77 -2.54 10.93
N ALA A 211 0.43 -1.43 11.59
CA ALA A 211 -0.71 -0.63 11.21
C ALA A 211 -0.49 0.05 9.86
N GLU A 212 -1.60 0.37 9.22
CA GLU A 212 -1.63 0.78 7.82
C GLU A 212 -2.74 1.78 7.63
N MET A 213 -2.40 2.93 7.04
CA MET A 213 -3.43 3.87 6.62
C MET A 213 -3.49 3.90 5.12
N ASP A 214 -4.54 3.32 4.58
CA ASP A 214 -4.69 3.28 3.11
C ASP A 214 -5.34 4.56 2.63
N ILE A 215 -4.49 5.55 2.29
N ILE A 215 -4.53 5.54 2.27
CA ILE A 215 -4.96 6.81 1.68
CA ILE A 215 -5.10 6.79 1.74
C ILE A 215 -5.76 6.56 0.41
C ILE A 215 -5.78 6.55 0.40
N TRP A 216 -5.26 5.64 -0.40
CA TRP A 216 -5.71 5.52 -1.77
C TRP A 216 -5.55 4.11 -2.31
N GLU A 217 -6.65 3.44 -2.58
CA GLU A 217 -6.62 2.11 -3.26
C GLU A 217 -7.63 2.24 -4.37
N ALA A 218 -7.18 2.22 -5.62
CA ALA A 218 -8.05 2.72 -6.69
C ALA A 218 -7.67 2.22 -8.04
N ASN A 219 -8.67 2.27 -8.92
CA ASN A 219 -8.46 2.22 -10.36
C ASN A 219 -9.38 3.26 -10.99
N SER A 220 -9.61 3.16 -12.30
CA SER A 220 -10.50 4.10 -12.96
C SER A 220 -11.96 3.89 -12.58
N ILE A 221 -12.31 2.80 -11.93
N ILE A 221 -12.30 2.76 -11.99
CA ILE A 221 -13.70 2.51 -11.61
CA ILE A 221 -13.68 2.43 -11.62
C ILE A 221 -14.12 2.78 -10.17
C ILE A 221 -14.04 2.87 -10.20
N SER A 222 -13.27 2.38 -9.21
CA SER A 222 -13.58 2.59 -7.79
C SER A 222 -12.35 3.00 -7.03
N THR A 223 -12.59 3.62 -5.89
CA THR A 223 -11.54 3.96 -4.91
C THR A 223 -12.08 3.82 -3.51
N ALA A 224 -11.13 3.59 -2.60
CA ALA A 224 -11.46 3.48 -1.17
C ALA A 224 -10.32 4.06 -0.34
N PHE A 225 -10.66 4.66 0.81
CA PHE A 225 -9.66 5.04 1.81
C PHE A 225 -10.03 4.36 3.12
N THR A 226 -9.00 3.83 3.81
CA THR A 226 -9.22 2.85 4.87
C THR A 226 -8.12 2.83 5.91
N PRO A 227 -8.41 3.26 7.15
CA PRO A 227 -7.48 2.98 8.25
C PRO A 227 -7.58 1.52 8.74
N HIS A 228 -6.42 0.92 9.03
CA HIS A 228 -6.30 -0.43 9.62
C HIS A 228 -5.41 -0.37 10.87
N PRO A 229 -6.03 -0.41 12.05
CA PRO A 229 -5.20 -0.44 13.29
C PRO A 229 -4.71 -1.85 13.60
N CYS A 230 -3.60 -1.97 14.36
CA CYS A 230 -3.13 -3.22 14.92
C CYS A 230 -2.88 -3.04 16.42
N ASP A 231 -2.88 -4.16 17.14
CA ASP A 231 -2.61 -4.11 18.60
C ASP A 231 -1.28 -3.39 18.88
N THR A 232 -0.22 -3.74 18.12
CA THR A 232 1.05 -3.01 18.18
C THR A 232 1.13 -2.19 16.90
N PRO A 233 1.40 -0.89 16.99
CA PRO A 233 1.34 -0.08 15.74
C PRO A 233 2.47 -0.34 14.78
N GLY A 234 3.68 -0.53 15.31
CA GLY A 234 4.89 -0.75 14.51
C GLY A 234 5.12 -2.19 14.14
N GLN A 235 6.26 -2.45 13.53
N GLN A 235 6.22 -2.39 13.43
CA GLN A 235 6.56 -3.77 12.98
CA GLN A 235 6.54 -3.65 12.81
C GLN A 235 6.68 -4.82 14.06
C GLN A 235 6.84 -4.70 13.84
N VAL A 236 6.05 -5.97 13.80
N VAL A 236 6.18 -5.85 13.70
CA VAL A 236 6.17 -7.13 14.68
CA VAL A 236 6.44 -7.00 14.56
C VAL A 236 6.24 -8.32 13.73
C VAL A 236 6.24 -8.30 13.77
N MET A 237 7.17 -9.23 13.99
CA MET A 237 7.15 -10.52 13.31
C MET A 237 6.16 -11.49 13.93
N CYS A 238 5.24 -12.03 13.17
CA CYS A 238 4.34 -13.04 13.63
C CYS A 238 4.69 -14.39 13.02
N THR A 239 4.13 -15.46 13.58
CA THR A 239 4.37 -16.82 13.10
C THR A 239 3.13 -17.58 12.74
N GLY A 240 3.16 -18.16 11.54
CA GLY A 240 2.13 -19.12 11.15
C GLY A 240 0.74 -18.52 10.92
N ASP A 241 -0.28 -19.37 10.90
N ASP A 241 -0.26 -19.40 10.94
CA ASP A 241 -1.65 -18.88 10.68
CA ASP A 241 -1.63 -18.99 10.72
C ASP A 241 -2.14 -17.94 11.78
C ASP A 241 -2.12 -17.97 11.76
N ALA A 242 -1.50 -17.95 12.94
CA ALA A 242 -1.78 -16.98 14.00
C ALA A 242 -1.46 -15.51 13.61
N CYS A 243 -0.73 -15.34 12.52
CA CYS A 243 -0.55 -14.02 11.91
C CYS A 243 -1.90 -13.42 11.54
N GLY A 244 -2.88 -14.22 11.16
CA GLY A 244 -4.09 -13.67 10.57
C GLY A 244 -3.81 -12.96 9.24
N GLY A 245 -4.77 -12.16 8.78
CA GLY A 245 -4.61 -11.48 7.52
C GLY A 245 -4.97 -12.33 6.33
N THR A 246 -5.02 -11.66 5.17
N THR A 246 -4.67 -11.84 5.13
CA THR A 246 -5.29 -12.33 3.89
CA THR A 246 -4.85 -12.66 3.92
C THR A 246 -4.31 -13.48 3.70
C THR A 246 -3.93 -13.88 3.74
N TYR A 247 -4.79 -14.56 3.12
N TYR A 247 -2.76 -13.92 4.39
CA TYR A 247 -3.97 -15.79 2.89
CA TYR A 247 -1.80 -15.04 4.18
C TYR A 247 -3.79 -16.69 4.11
C TYR A 247 -1.95 -16.16 5.17
N SER A 248 -4.39 -16.34 5.25
N SER A 248 -3.07 -16.18 5.87
CA SER A 248 -4.33 -17.21 6.37
CA SER A 248 -3.29 -17.18 6.90
C SER A 248 -5.69 -17.88 6.46
C SER A 248 -4.74 -17.70 6.81
N SER A 249 -5.74 -18.96 7.25
N SER A 249 -5.10 -18.79 7.52
CA SER A 249 -6.96 -19.74 7.44
CA SER A 249 -6.43 -19.46 7.39
C SER A 249 -8.00 -18.90 8.12
C SER A 249 -7.71 -18.76 7.87
N ASP A 250 -7.57 -17.86 8.84
CA ASP A 250 -8.63 -17.02 9.36
C ASP A 250 -8.10 -15.61 9.38
N ARG A 251 -8.59 -14.81 8.44
CA ARG A 251 -8.11 -13.44 8.32
C ARG A 251 -8.27 -12.71 9.63
N TYR A 252 -9.24 -13.09 10.49
CA TYR A 252 -9.55 -12.34 11.73
C TYR A 252 -8.88 -12.86 12.97
N GLY A 253 -8.02 -13.84 12.83
CA GLY A 253 -7.42 -14.51 13.98
C GLY A 253 -6.19 -13.87 14.61
N GLY A 254 -5.72 -12.78 14.05
CA GLY A 254 -4.45 -12.17 14.52
C GLY A 254 -4.59 -10.83 15.20
N THR A 255 -3.51 -10.04 15.14
CA THR A 255 -3.43 -8.80 15.91
C THR A 255 -3.71 -7.52 15.13
N CYS A 256 -3.95 -7.65 13.82
CA CYS A 256 -4.21 -6.53 12.94
C CYS A 256 -5.58 -6.64 12.31
N ASP A 257 -6.19 -5.50 12.01
CA ASP A 257 -7.48 -5.48 11.35
C ASP A 257 -7.23 -5.61 9.85
N PRO A 258 -7.62 -6.72 9.24
CA PRO A 258 -7.36 -6.94 7.82
C PRO A 258 -8.33 -6.19 6.93
N ASP A 259 -9.46 -5.78 7.49
CA ASP A 259 -10.52 -5.14 6.66
C ASP A 259 -10.45 -3.61 6.72
N GLY A 260 -10.20 -3.10 7.91
CA GLY A 260 -10.16 -1.67 8.14
C GLY A 260 -11.55 -1.03 8.24
N CYS A 261 -11.60 0.27 8.45
CA CYS A 261 -12.89 0.98 8.34
C CYS A 261 -12.83 1.78 7.07
N ASP A 262 -13.52 1.32 6.03
CA ASP A 262 -13.37 1.85 4.70
C ASP A 262 -14.43 2.88 4.31
N PHE A 263 -14.06 3.75 3.38
CA PHE A 263 -15.04 4.62 2.69
C PHE A 263 -14.76 4.58 1.22
N ASN A 264 -15.65 3.90 0.52
CA ASN A 264 -15.70 3.83 -0.96
C ASN A 264 -17.09 4.44 -1.27
N SER A 265 -17.10 5.55 -2.01
CA SER A 265 -18.35 6.29 -2.26
C SER A 265 -19.45 5.42 -2.88
N PHE A 266 -19.04 4.48 -3.72
CA PHE A 266 -19.99 3.59 -4.42
C PHE A 266 -20.54 2.62 -3.43
N ARG A 267 -19.66 2.01 -2.63
CA ARG A 267 -20.11 1.11 -1.58
C ARG A 267 -21.03 1.80 -0.54
N GLN A 268 -20.79 3.10 -0.34
CA GLN A 268 -21.58 3.93 0.56
C GLN A 268 -22.81 4.52 -0.11
N GLY A 269 -23.15 4.05 -1.30
CA GLY A 269 -24.47 4.29 -1.89
C GLY A 269 -24.53 5.37 -2.91
N ASN A 270 -23.42 5.89 -3.43
CA ASN A 270 -23.46 6.85 -4.50
C ASN A 270 -22.74 6.26 -5.70
N LYS A 271 -23.50 5.83 -6.72
CA LYS A 271 -22.92 5.21 -7.89
C LYS A 271 -22.44 6.13 -9.01
N THR A 272 -22.59 7.45 -8.83
CA THR A 272 -22.26 8.44 -9.85
C THR A 272 -21.22 9.44 -9.43
N PHE A 273 -20.53 9.17 -8.31
CA PHE A 273 -19.58 10.15 -7.74
C PHE A 273 -18.16 10.01 -8.30
N TYR A 274 -17.66 8.79 -8.40
CA TYR A 274 -16.29 8.54 -8.82
C TYR A 274 -16.26 7.52 -9.91
N GLY A 275 -15.62 7.85 -11.02
CA GLY A 275 -15.55 6.94 -12.15
C GLY A 275 -15.45 7.69 -13.47
N PRO A 276 -15.53 6.95 -14.57
CA PRO A 276 -15.40 7.62 -15.89
C PRO A 276 -16.57 8.59 -16.12
N GLY A 277 -16.23 9.85 -16.34
CA GLY A 277 -17.25 10.89 -16.53
C GLY A 277 -18.10 11.30 -15.34
N MET A 278 -17.66 10.99 -14.15
N MET A 278 -17.75 10.82 -14.15
CA MET A 278 -18.45 11.27 -12.99
CA MET A 278 -18.48 11.12 -12.92
C MET A 278 -18.00 12.52 -12.29
C MET A 278 -18.03 12.45 -12.30
N THR A 279 -18.58 12.78 -11.12
CA THR A 279 -18.27 14.01 -10.41
C THR A 279 -16.76 14.18 -10.27
N VAL A 280 -16.10 13.11 -9.81
CA VAL A 280 -14.67 12.96 -9.89
C VAL A 280 -14.41 12.05 -11.10
N ASP A 281 -13.87 12.66 -12.15
CA ASP A 281 -13.84 12.02 -13.47
C ASP A 281 -12.48 11.33 -13.67
N THR A 282 -12.51 10.02 -13.64
CA THR A 282 -11.26 9.28 -13.73
C THR A 282 -10.61 9.25 -15.08
N LYS A 283 -11.24 9.86 -16.10
CA LYS A 283 -10.58 10.01 -17.40
C LYS A 283 -9.48 11.05 -17.41
N SER A 284 -9.34 11.86 -16.35
N SER A 284 -9.46 11.92 -16.40
CA SER A 284 -8.24 12.81 -16.28
CA SER A 284 -8.47 12.96 -16.27
C SER A 284 -7.68 13.00 -14.85
C SER A 284 -7.85 12.91 -14.90
N LYS A 285 -6.49 13.57 -14.77
N LYS A 285 -6.74 13.63 -14.74
CA LYS A 285 -5.83 13.80 -13.46
CA LYS A 285 -6.07 13.72 -13.44
C LYS A 285 -6.75 14.57 -12.48
C LYS A 285 -6.94 14.47 -12.46
N PHE A 286 -6.65 14.26 -11.19
CA PHE A 286 -7.33 14.97 -10.13
C PHE A 286 -6.45 14.95 -8.89
N THR A 287 -6.80 15.82 -7.95
CA THR A 287 -6.11 16.00 -6.67
C THR A 287 -6.95 15.32 -5.59
N VAL A 288 -6.27 14.63 -4.66
CA VAL A 288 -6.89 13.91 -3.56
C VAL A 288 -6.30 14.46 -2.27
N VAL A 289 -7.17 14.98 -1.41
CA VAL A 289 -6.79 15.55 -0.09
C VAL A 289 -7.34 14.63 0.97
N THR A 290 -6.49 14.29 1.96
CA THR A 290 -6.91 13.44 3.07
C THR A 290 -6.45 14.08 4.40
N GLN A 291 -7.40 14.36 5.31
CA GLN A 291 -7.16 15.12 6.53
C GLN A 291 -7.31 14.25 7.76
N PHE A 292 -6.38 14.38 8.70
CA PHE A 292 -6.36 13.57 9.91
C PHE A 292 -6.67 14.50 11.11
N ILE A 293 -7.94 14.57 11.44
N ILE A 293 -7.96 14.60 11.40
CA ILE A 293 -8.41 15.56 12.42
CA ILE A 293 -8.49 15.51 12.42
C ILE A 293 -8.40 14.96 13.79
C ILE A 293 -8.37 14.93 13.80
N THR A 294 -7.83 15.71 14.76
CA THR A 294 -7.69 15.23 16.14
C THR A 294 -8.72 15.87 17.06
N ASP A 295 -8.89 15.28 18.23
CA ASP A 295 -9.94 15.74 19.14
C ASP A 295 -9.72 17.13 19.67
N ASP A 296 -8.46 17.54 19.79
CA ASP A 296 -8.16 18.88 20.30
C ASP A 296 -7.49 19.80 19.31
N GLY A 297 -7.40 19.40 18.03
CA GLY A 297 -6.87 20.29 17.01
C GLY A 297 -5.37 20.47 17.06
N THR A 298 -4.66 19.57 17.76
CA THR A 298 -3.22 19.57 17.79
C THR A 298 -2.64 18.22 17.38
N SER A 299 -1.35 18.22 17.12
CA SER A 299 -0.69 16.99 16.66
C SER A 299 -0.50 15.96 17.75
N SER A 300 -0.82 16.30 19.00
CA SER A 300 -0.71 15.32 20.08
C SER A 300 -2.09 14.90 20.54
N GLY A 301 -3.15 15.35 19.87
CA GLY A 301 -4.49 14.90 20.18
C GLY A 301 -4.75 13.49 19.62
N THR A 302 -5.93 12.98 19.93
CA THR A 302 -6.36 11.62 19.53
C THR A 302 -7.06 11.76 18.17
N LEU A 303 -6.72 10.87 17.25
CA LEU A 303 -7.40 10.86 15.93
C LEU A 303 -8.91 10.66 16.10
N LYS A 304 -9.71 11.57 15.52
CA LYS A 304 -11.15 11.53 15.65
C LYS A 304 -11.87 11.41 14.30
N GLU A 305 -11.27 11.92 13.23
CA GLU A 305 -11.95 11.93 11.94
C GLU A 305 -10.95 11.95 10.83
N ILE A 306 -11.28 11.23 9.75
CA ILE A 306 -10.55 11.33 8.51
C ILE A 306 -11.49 11.85 7.44
N LYS A 307 -11.12 12.99 6.86
CA LYS A 307 -11.89 13.66 5.83
C LYS A 307 -11.17 13.55 4.48
N ARG A 308 -11.97 13.70 3.43
CA ARG A 308 -11.54 13.59 2.04
C ARG A 308 -12.11 14.72 1.22
N PHE A 309 -11.26 15.40 0.45
CA PHE A 309 -11.70 16.32 -0.60
C PHE A 309 -11.00 15.97 -1.88
N TYR A 310 -11.63 16.28 -3.01
CA TYR A 310 -11.01 16.17 -4.32
C TYR A 310 -10.91 17.58 -4.93
N VAL A 311 -9.97 17.78 -5.86
CA VAL A 311 -9.96 19.01 -6.69
C VAL A 311 -9.78 18.50 -8.10
N GLN A 312 -10.65 18.96 -8.99
CA GLN A 312 -10.49 18.67 -10.40
C GLN A 312 -11.00 19.85 -11.23
N ASN A 313 -10.21 20.22 -12.22
CA ASN A 313 -10.53 21.34 -13.10
C ASN A 313 -10.74 22.59 -12.22
N GLY A 314 -9.94 22.71 -11.16
CA GLY A 314 -10.07 23.82 -10.19
C GLY A 314 -11.30 23.83 -9.27
N LYS A 315 -12.24 22.89 -9.41
N LYS A 315 -12.21 22.87 -9.41
CA LYS A 315 -13.37 22.85 -8.51
CA LYS A 315 -13.36 22.77 -8.53
C LYS A 315 -13.08 21.91 -7.32
C LYS A 315 -12.99 21.92 -7.31
N VAL A 316 -13.31 22.42 -6.11
CA VAL A 316 -13.14 21.66 -4.88
C VAL A 316 -14.42 20.85 -4.65
N ILE A 317 -14.27 19.53 -4.48
CA ILE A 317 -15.36 18.59 -4.41
C ILE A 317 -15.29 17.88 -3.06
N PRO A 318 -16.24 18.16 -2.18
CA PRO A 318 -16.28 17.44 -0.92
C PRO A 318 -16.62 15.96 -1.15
N ASN A 319 -16.17 15.11 -0.23
CA ASN A 319 -16.51 13.70 -0.37
C ASN A 319 -18.02 13.51 -0.38
N SER A 320 -18.47 12.49 -1.11
CA SER A 320 -19.87 12.17 -1.17
C SER A 320 -20.43 11.67 0.14
N GLU A 321 -21.70 11.96 0.39
N GLU A 321 -21.70 11.97 0.38
CA GLU A 321 -22.40 11.47 1.54
CA GLU A 321 -22.45 11.50 1.52
C GLU A 321 -22.70 9.98 1.41
C GLU A 321 -22.72 9.99 1.41
N SER A 322 -22.59 9.28 2.53
CA SER A 322 -23.02 7.90 2.61
C SER A 322 -24.53 7.94 2.68
N THR A 323 -25.19 7.12 1.87
CA THR A 323 -26.65 7.34 1.70
C THR A 323 -27.50 6.29 2.39
N TRP A 324 -26.91 5.23 2.93
CA TRP A 324 -27.64 4.17 3.57
C TRP A 324 -28.32 4.68 4.82
N THR A 325 -29.56 4.22 5.04
CA THR A 325 -30.21 4.49 6.32
C THR A 325 -29.37 4.08 7.52
N GLY A 326 -29.11 5.05 8.40
CA GLY A 326 -28.37 4.80 9.64
C GLY A 326 -26.87 4.84 9.49
N VAL A 327 -26.39 5.07 8.26
CA VAL A 327 -24.92 5.18 8.02
C VAL A 327 -24.73 6.44 7.17
N SER A 328 -24.64 7.58 7.84
N SER A 328 -24.69 7.59 7.83
CA SER A 328 -24.62 8.86 7.18
CA SER A 328 -24.64 8.87 7.13
C SER A 328 -23.27 9.53 7.29
C SER A 328 -23.28 9.53 7.29
N GLY A 329 -23.16 10.74 6.76
CA GLY A 329 -21.93 11.49 6.81
C GLY A 329 -21.05 11.19 5.60
N ASN A 330 -19.96 11.95 5.49
CA ASN A 330 -19.05 11.87 4.35
C ASN A 330 -17.61 11.68 4.79
N SER A 331 -17.41 11.16 5.99
CA SER A 331 -16.06 11.00 6.53
C SER A 331 -16.01 9.75 7.41
N ILE A 332 -14.78 9.42 7.85
CA ILE A 332 -14.60 8.32 8.75
C ILE A 332 -14.48 8.81 10.19
N THR A 333 -15.40 8.30 11.02
CA THR A 333 -15.44 8.56 12.45
C THR A 333 -15.76 7.27 13.13
N THR A 334 -15.63 7.23 14.45
CA THR A 334 -15.98 6.01 15.19
C THR A 334 -17.45 5.62 15.01
N GLU A 335 -18.34 6.61 15.03
CA GLU A 335 -19.77 6.35 14.88
C GLU A 335 -20.11 5.82 13.48
N TYR A 336 -19.47 6.37 12.45
CA TYR A 336 -19.61 5.83 11.10
C TYR A 336 -19.18 4.38 11.06
N CYS A 337 -17.98 4.08 11.59
CA CYS A 337 -17.45 2.72 11.48
C CYS A 337 -18.33 1.71 12.16
N THR A 338 -18.81 2.04 13.37
CA THR A 338 -19.68 1.11 14.07
C THR A 338 -20.99 0.85 13.29
N ALA A 339 -21.58 1.93 12.81
CA ALA A 339 -22.84 1.84 12.10
C ALA A 339 -22.68 1.11 10.76
N GLN A 340 -21.57 1.42 10.05
CA GLN A 340 -21.32 0.82 8.74
C GLN A 340 -21.11 -0.70 8.88
N LYS A 341 -20.31 -1.13 9.86
CA LYS A 341 -20.01 -2.56 10.00
C LYS A 341 -21.28 -3.34 10.40
N SER A 342 -22.11 -2.72 11.23
N SER A 342 -22.12 -2.71 11.22
CA SER A 342 -23.36 -3.34 11.62
CA SER A 342 -23.35 -3.33 11.63
C SER A 342 -24.29 -3.55 10.42
C SER A 342 -24.37 -3.50 10.51
N LEU A 343 -24.51 -2.48 9.66
CA LEU A 343 -25.42 -2.55 8.51
C LEU A 343 -24.97 -3.56 7.48
N PHE A 344 -23.67 -3.53 7.21
CA PHE A 344 -23.07 -4.36 6.20
C PHE A 344 -22.80 -5.80 6.67
N GLN A 345 -22.94 -6.04 7.97
CA GLN A 345 -22.74 -7.37 8.58
C GLN A 345 -21.31 -7.85 8.37
N ASP A 346 -20.37 -6.93 8.53
CA ASP A 346 -18.98 -7.26 8.52
C ASP A 346 -18.48 -7.38 9.97
N GLN A 347 -17.59 -8.34 10.25
N GLN A 347 -17.54 -8.29 10.17
CA GLN A 347 -17.05 -8.46 11.61
CA GLN A 347 -16.93 -8.55 11.47
C GLN A 347 -16.27 -7.21 11.91
C GLN A 347 -16.12 -7.33 11.99
N ASN A 348 -16.53 -6.63 13.06
CA ASN A 348 -15.89 -5.37 13.43
C ASN A 348 -14.68 -5.72 14.30
N VAL A 349 -13.55 -6.00 13.69
CA VAL A 349 -12.29 -6.09 14.46
C VAL A 349 -11.53 -4.78 14.46
N PHE A 350 -12.07 -3.78 13.77
CA PHE A 350 -11.53 -2.41 13.76
C PHE A 350 -11.48 -1.92 15.19
N GLU A 351 -12.59 -2.01 15.93
CA GLU A 351 -12.57 -1.59 17.30
C GLU A 351 -11.73 -2.50 18.19
N LYS A 352 -11.76 -3.79 17.92
CA LYS A 352 -11.00 -4.72 18.70
C LYS A 352 -9.53 -4.39 18.73
N HIS A 353 -9.04 -3.87 17.61
CA HIS A 353 -7.61 -3.56 17.49
C HIS A 353 -7.26 -2.10 17.72
N GLY A 354 -8.23 -1.34 18.24
CA GLY A 354 -7.96 -0.02 18.74
C GLY A 354 -8.70 1.11 18.05
N GLY A 355 -9.43 0.81 16.98
CA GLY A 355 -10.14 1.83 16.22
C GLY A 355 -9.32 3.01 15.76
N LEU A 356 -9.96 4.14 15.63
CA LEU A 356 -9.27 5.35 15.20
C LEU A 356 -8.18 5.79 16.18
N GLU A 357 -8.42 5.61 17.48
CA GLU A 357 -7.37 5.94 18.45
C GLU A 357 -6.10 5.11 18.19
N GLY A 358 -6.27 3.82 17.89
CA GLY A 358 -5.18 2.91 17.56
C GLY A 358 -4.49 3.29 16.27
N MET A 359 -5.29 3.68 15.27
CA MET A 359 -4.71 4.17 14.05
C MET A 359 -3.83 5.40 14.33
N GLY A 360 -4.35 6.29 15.16
CA GLY A 360 -3.61 7.52 15.52
C GLY A 360 -2.30 7.23 16.24
N ALA A 361 -2.31 6.18 17.07
CA ALA A 361 -1.10 5.76 17.80
C ALA A 361 -0.04 5.39 16.79
N ALA A 362 -0.43 4.70 15.70
CA ALA A 362 0.53 4.44 14.63
C ALA A 362 0.98 5.72 13.93
N LEU A 363 0.04 6.59 13.60
CA LEU A 363 0.39 7.85 12.96
C LEU A 363 1.42 8.59 13.83
N ALA A 364 1.26 8.51 15.15
CA ALA A 364 2.18 9.21 16.05
C ALA A 364 3.61 8.65 16.06
N GLN A 365 3.79 7.41 15.61
CA GLN A 365 5.12 6.79 15.55
C GLN A 365 5.91 7.33 14.38
N GLY A 366 5.23 7.94 13.40
CA GLY A 366 5.83 8.16 12.09
C GLY A 366 5.56 7.02 11.15
N MET A 367 5.23 7.31 9.90
N MET A 367 5.21 7.34 9.90
CA MET A 367 4.90 6.23 8.96
CA MET A 367 4.81 6.32 8.91
C MET A 367 5.54 6.49 7.60
C MET A 367 5.62 6.49 7.61
N VAL A 368 5.83 5.39 6.90
CA VAL A 368 6.51 5.37 5.59
C VAL A 368 5.43 5.43 4.50
N LEU A 369 5.69 6.29 3.51
CA LEU A 369 4.86 6.45 2.32
C LEU A 369 5.21 5.39 1.31
N VAL A 370 4.17 4.64 0.89
CA VAL A 370 4.26 3.58 -0.08
C VAL A 370 3.46 3.95 -1.32
N MET A 371 4.05 3.73 -2.50
CA MET A 371 3.32 3.86 -3.79
C MET A 371 3.50 2.54 -4.52
N SER A 372 2.42 1.96 -4.97
CA SER A 372 2.46 0.60 -5.56
C SER A 372 1.44 0.45 -6.67
N LEU A 373 1.59 -0.65 -7.40
CA LEU A 373 0.67 -1.06 -8.42
C LEU A 373 0.63 -2.58 -8.36
N TRP A 374 -0.54 -3.12 -8.12
CA TRP A 374 -0.72 -4.58 -7.92
C TRP A 374 -2.03 -5.12 -8.43
N ASP A 375 -2.00 -6.43 -8.72
CA ASP A 375 -3.23 -7.21 -8.90
C ASP A 375 -3.41 -8.11 -7.67
N ASP A 376 -4.58 -8.75 -7.58
CA ASP A 376 -5.02 -9.35 -6.32
C ASP A 376 -5.22 -10.83 -6.49
N HIS A 377 -4.24 -11.58 -5.97
CA HIS A 377 -4.26 -13.04 -6.07
C HIS A 377 -5.16 -13.75 -5.05
N SER A 378 -5.77 -13.01 -4.15
N SER A 378 -5.85 -13.03 -4.21
CA SER A 378 -6.76 -13.58 -3.21
CA SER A 378 -6.80 -13.69 -3.31
C SER A 378 -8.19 -13.42 -3.77
C SER A 378 -8.27 -13.41 -3.63
N ALA A 379 -8.56 -12.17 -4.02
CA ALA A 379 -9.96 -11.78 -4.24
C ALA A 379 -10.21 -10.98 -5.52
N ASN A 380 -9.25 -10.99 -6.44
CA ASN A 380 -9.43 -10.45 -7.77
C ASN A 380 -9.83 -8.97 -7.84
N MET A 381 -9.53 -8.24 -6.79
CA MET A 381 -9.88 -6.84 -6.59
C MET A 381 -11.38 -6.62 -6.51
N LEU A 382 -12.16 -7.68 -6.32
CA LEU A 382 -13.62 -7.54 -6.36
C LEU A 382 -14.16 -6.77 -5.16
N TRP A 383 -13.44 -6.82 -4.04
CA TRP A 383 -13.73 -6.06 -2.83
C TRP A 383 -13.69 -4.53 -3.06
N LEU A 384 -12.90 -4.13 -4.09
CA LEU A 384 -12.74 -2.70 -4.43
C LEU A 384 -13.74 -2.27 -5.51
N ASP A 385 -13.94 -3.13 -6.51
CA ASP A 385 -14.57 -2.62 -7.77
C ASP A 385 -15.75 -3.44 -8.29
N SER A 386 -16.21 -4.41 -7.52
CA SER A 386 -17.29 -5.30 -8.01
C SER A 386 -18.29 -5.62 -6.90
N ASN A 387 -18.98 -6.75 -7.01
CA ASN A 387 -19.76 -7.29 -5.91
C ASN A 387 -18.90 -8.23 -5.10
N TYR A 388 -18.98 -8.15 -3.78
CA TYR A 388 -18.18 -9.03 -2.94
C TYR A 388 -18.87 -9.30 -1.64
N PRO A 389 -19.00 -10.58 -1.25
CA PRO A 389 -18.58 -11.73 -2.03
C PRO A 389 -19.45 -11.91 -3.28
N THR A 390 -18.95 -12.68 -4.28
CA THR A 390 -19.62 -12.71 -5.58
C THR A 390 -20.93 -13.50 -5.56
N THR A 391 -21.16 -14.22 -4.49
CA THR A 391 -22.40 -14.96 -4.29
C THR A 391 -23.55 -14.10 -3.86
N ALA A 392 -23.25 -12.95 -3.26
CA ALA A 392 -24.24 -12.12 -2.59
C ALA A 392 -24.97 -11.27 -3.58
N SER A 393 -26.10 -10.74 -3.13
CA SER A 393 -26.91 -9.92 -4.00
C SER A 393 -26.44 -8.48 -3.99
N SER A 394 -26.38 -7.85 -5.15
CA SER A 394 -25.96 -6.45 -5.24
C SER A 394 -26.91 -5.51 -4.57
N THR A 395 -28.14 -5.96 -4.26
CA THR A 395 -29.08 -5.11 -3.56
C THR A 395 -28.84 -5.06 -2.05
N THR A 396 -28.03 -5.96 -1.55
CA THR A 396 -27.73 -5.98 -0.11
C THR A 396 -26.71 -4.88 0.23
N PRO A 397 -27.01 -4.03 1.23
CA PRO A 397 -26.04 -2.98 1.59
C PRO A 397 -24.66 -3.56 1.88
N GLY A 398 -23.67 -2.98 1.21
CA GLY A 398 -22.24 -3.33 1.45
C GLY A 398 -21.66 -4.24 0.40
N VAL A 399 -22.51 -4.91 -0.38
CA VAL A 399 -22.02 -5.89 -1.36
C VAL A 399 -21.42 -5.24 -2.62
N ALA A 400 -22.11 -4.28 -3.22
CA ALA A 400 -21.64 -3.67 -4.45
C ALA A 400 -20.70 -2.49 -4.16
N ARG A 401 -19.47 -2.62 -4.68
CA ARG A 401 -18.41 -1.66 -4.50
C ARG A 401 -17.97 -0.97 -5.79
N GLY A 402 -18.40 -1.50 -6.94
CA GLY A 402 -18.21 -0.82 -8.22
C GLY A 402 -18.97 -1.59 -9.28
N THR A 403 -18.71 -1.21 -10.51
CA THR A 403 -19.42 -1.75 -11.71
C THR A 403 -18.64 -2.82 -12.44
N CYS A 404 -17.47 -3.22 -11.95
CA CYS A 404 -16.76 -4.27 -12.64
C CYS A 404 -17.49 -5.61 -12.53
N ASP A 405 -17.37 -6.42 -13.60
CA ASP A 405 -18.02 -7.72 -13.60
C ASP A 405 -17.40 -8.62 -12.55
N ILE A 406 -18.21 -9.49 -11.95
CA ILE A 406 -17.72 -10.43 -10.98
C ILE A 406 -16.71 -11.42 -11.51
N SER A 407 -16.60 -11.60 -12.82
N SER A 407 -16.66 -11.53 -12.84
CA SER A 407 -15.53 -12.49 -13.33
CA SER A 407 -15.68 -12.39 -13.52
C SER A 407 -14.28 -11.73 -13.78
C SER A 407 -14.31 -11.76 -13.68
N SER A 408 -14.23 -10.43 -13.47
CA SER A 408 -13.02 -9.65 -13.72
C SER A 408 -11.93 -9.89 -12.67
N GLY A 409 -10.75 -9.41 -13.00
CA GLY A 409 -9.63 -9.37 -12.01
C GLY A 409 -8.84 -10.59 -11.74
N VAL A 410 -9.13 -11.72 -12.40
N VAL A 410 -9.10 -11.67 -12.48
CA VAL A 410 -8.26 -12.88 -12.17
CA VAL A 410 -8.27 -12.87 -12.37
C VAL A 410 -6.86 -12.53 -12.67
C VAL A 410 -6.81 -12.53 -12.76
N PRO A 411 -5.85 -12.77 -11.83
CA PRO A 411 -4.54 -12.27 -12.13
C PRO A 411 -3.98 -12.70 -13.47
N ALA A 412 -4.19 -13.95 -13.87
CA ALA A 412 -3.67 -14.38 -15.19
C ALA A 412 -4.25 -13.54 -16.31
N ASP A 413 -5.53 -13.16 -16.18
CA ASP A 413 -6.17 -12.35 -17.20
C ASP A 413 -5.68 -10.91 -17.18
N VAL A 414 -5.55 -10.35 -15.97
CA VAL A 414 -5.09 -8.98 -15.83
C VAL A 414 -3.66 -8.84 -16.42
N GLU A 415 -2.81 -9.80 -16.08
N GLU A 415 -2.77 -9.77 -16.09
CA GLU A 415 -1.41 -9.83 -16.50
CA GLU A 415 -1.43 -9.82 -16.64
C GLU A 415 -1.32 -10.02 -18.05
C GLU A 415 -1.45 -9.86 -18.15
N ALA A 416 -2.23 -10.79 -18.64
CA ALA A 416 -2.29 -10.96 -20.11
C ALA A 416 -2.87 -9.78 -20.85
N ASN A 417 -3.95 -9.22 -20.30
CA ASN A 417 -4.75 -8.23 -21.01
C ASN A 417 -4.30 -6.78 -20.81
N HIS A 418 -3.61 -6.51 -19.68
CA HIS A 418 -3.22 -5.12 -19.32
C HIS A 418 -1.76 -4.92 -18.95
N PRO A 419 -0.84 -5.50 -19.73
CA PRO A 419 0.55 -5.32 -19.37
C PRO A 419 1.00 -3.87 -19.41
N ASP A 420 0.40 -3.05 -20.25
N ASP A 420 0.30 -3.09 -20.22
CA ASP A 420 0.81 -1.65 -20.32
CA ASP A 420 0.58 -1.71 -20.48
C ASP A 420 -0.10 -0.69 -19.54
C ASP A 420 -0.05 -0.73 -19.51
N ALA A 421 -0.88 -1.22 -18.61
CA ALA A 421 -1.57 -0.38 -17.61
C ALA A 421 -0.52 0.31 -16.77
N TYR A 422 -0.82 1.50 -16.32
CA TYR A 422 0.08 2.27 -15.45
C TYR A 422 -0.67 3.26 -14.61
N VAL A 423 0.02 3.75 -13.56
CA VAL A 423 -0.48 4.82 -12.70
C VAL A 423 0.58 5.88 -12.61
N VAL A 424 0.16 7.13 -12.44
CA VAL A 424 1.09 8.25 -12.19
C VAL A 424 0.68 9.00 -10.93
N TYR A 425 1.57 9.05 -9.94
CA TYR A 425 1.38 9.83 -8.74
C TYR A 425 2.23 11.09 -8.86
N SER A 426 1.72 12.23 -8.43
CA SER A 426 2.53 13.44 -8.56
C SER A 426 2.14 14.48 -7.54
N ASN A 427 3.01 15.49 -7.41
CA ASN A 427 2.69 16.69 -6.71
C ASN A 427 2.20 16.48 -5.27
N ILE A 428 2.98 15.70 -4.54
CA ILE A 428 2.65 15.42 -3.11
C ILE A 428 2.90 16.66 -2.27
N LYS A 429 1.95 16.95 -1.38
CA LYS A 429 2.03 18.08 -0.45
C LYS A 429 1.49 17.62 0.88
N VAL A 430 2.17 18.02 1.95
CA VAL A 430 1.75 17.71 3.33
C VAL A 430 1.85 18.98 4.17
N GLY A 431 0.83 19.23 4.97
CA GLY A 431 0.91 20.36 5.92
C GLY A 431 -0.30 20.43 6.77
N PRO A 432 -0.49 21.56 7.47
CA PRO A 432 -1.69 21.75 8.27
C PRO A 432 -2.99 21.62 7.51
N ILE A 433 -4.03 21.31 8.26
CA ILE A 433 -5.35 21.10 7.67
C ILE A 433 -5.80 22.38 6.94
N GLY A 434 -6.19 22.24 5.67
CA GLY A 434 -6.53 23.34 4.78
C GLY A 434 -5.41 24.06 4.06
N SER A 435 -4.17 23.67 4.29
CA SER A 435 -3.00 24.38 3.76
C SER A 435 -2.61 23.98 2.34
N THR A 436 -3.18 22.89 1.81
CA THR A 436 -2.67 22.35 0.55
C THR A 436 -3.63 22.54 -0.60
N PHE A 437 -4.80 23.13 -0.37
CA PHE A 437 -5.80 23.33 -1.38
C PHE A 437 -6.70 24.52 -0.99
N ASN A 438 -7.61 24.88 -1.87
CA ASN A 438 -8.56 25.96 -1.64
C ASN A 438 -9.62 25.50 -0.68
N SER A 439 -9.31 25.68 0.59
CA SER A 439 -10.05 25.18 1.73
C SER A 439 -11.08 26.21 2.14
N GLY A 440 -12.05 25.84 2.94
CA GLY A 440 -12.08 24.57 3.68
C GLY A 440 -12.78 23.38 3.08
#